data_4GHL
#
_entry.id   4GHL
#
_cell.length_a   83.771
_cell.length_b   93.384
_cell.length_c   102.071
_cell.angle_alpha   90.00
_cell.angle_beta   90.00
_cell.angle_gamma   90.00
#
_symmetry.space_group_name_H-M   'P 21 21 21'
#
loop_
_entity.id
_entity.type
_entity.pdbx_description
1 polymer 'short palindromic RNA AGACAGCAUAUGCUGUCU'
2 polymer 'Polymerase cofactor VP35'
3 non-polymer 'MAGNESIUM ION'
4 non-polymer 1,2-ETHANEDIOL
5 non-polymer 'CHLORIDE ION'
6 water water
#
loop_
_entity_poly.entity_id
_entity_poly.type
_entity_poly.pdbx_seq_one_letter_code
_entity_poly.pdbx_strand_id
1 'polyribonucleotide' AGACAGCAUAUGCUGUCU E,F
2 'polypeptide(L)'
;GHMEETFSKPNLSAKDLALLLFTHLPGNNTPFHILAQVLSKIAYKSGKSGAFLDAFHQILSEGENAQAALTRLSRTFDAF
MGVVPPVIRVKNFQTVPRPCQKSLRAVPPNPTIDKGWVCVYSSEQGETRALKI
;
A,B,C,D
#
loop_
_chem_comp.id
_chem_comp.type
_chem_comp.name
_chem_comp.formula
A RNA linking ADENOSINE-5'-MONOPHOSPHATE 'C10 H14 N5 O7 P'
C RNA linking CYTIDINE-5'-MONOPHOSPHATE 'C9 H14 N3 O8 P'
CL non-polymer 'CHLORIDE ION' 'Cl -1'
EDO non-polymer 1,2-ETHANEDIOL 'C2 H6 O2'
G RNA linking GUANOSINE-5'-MONOPHOSPHATE 'C10 H14 N5 O8 P'
MG non-polymer 'MAGNESIUM ION' 'Mg 2'
U RNA linking URIDINE-5'-MONOPHOSPHATE 'C9 H13 N2 O9 P'
#
# COMPACT_ATOMS: atom_id res chain seq x y z
N HIS C 2 -10.54 28.29 -34.13
CA HIS C 2 -9.46 27.26 -34.36
C HIS C 2 -8.07 27.75 -34.09
N MET C 3 -7.84 29.05 -34.27
CA MET C 3 -6.51 29.65 -34.09
C MET C 3 -6.03 29.55 -32.65
N GLU C 4 -6.95 29.78 -31.70
CA GLU C 4 -6.69 29.59 -30.28
C GLU C 4 -6.28 28.14 -29.99
N GLU C 5 -7.00 27.20 -30.61
CA GLU C 5 -6.71 25.78 -30.50
C GLU C 5 -5.35 25.41 -31.15
N THR C 6 -5.01 26.06 -32.26
CA THR C 6 -3.75 25.82 -32.94
C THR C 6 -2.59 26.28 -32.09
N PHE C 7 -2.72 27.46 -31.49
CA PHE C 7 -1.57 28.10 -30.84
C PHE C 7 -1.52 27.93 -29.32
N SER C 8 -2.56 27.41 -28.71
CA SER C 8 -2.56 27.29 -27.25
C SER C 8 -1.67 26.14 -26.80
N LYS C 9 -0.70 26.43 -25.93
CA LYS C 9 0.17 25.42 -25.36
C LYS C 9 0.17 25.49 -23.83
N PRO C 10 -0.76 24.75 -23.18
CA PRO C 10 -0.82 24.72 -21.71
C PRO C 10 0.40 24.00 -21.15
N ASN C 11 0.83 24.40 -19.95
CA ASN C 11 1.85 23.69 -19.19
C ASN C 11 1.36 22.27 -18.88
N LEU C 12 2.24 21.28 -18.93
CA LEU C 12 1.84 19.90 -18.67
C LEU C 12 1.94 19.56 -17.18
N SER C 13 1.07 18.67 -16.72
CA SER C 13 1.19 18.09 -15.38
C SER C 13 2.50 17.29 -15.28
N ALA C 14 2.91 16.93 -14.06
CA ALA C 14 4.15 16.18 -13.88
C ALA C 14 4.01 14.83 -14.58
N LYS C 15 2.84 14.19 -14.45
CA LYS C 15 2.55 12.90 -15.10
C LYS C 15 2.54 13.02 -16.63
N ASP C 16 1.91 14.06 -17.16
CA ASP C 16 1.90 14.24 -18.65
C ASP C 16 3.27 14.58 -19.20
N LEU C 17 4.03 15.33 -18.42
CA LEU C 17 5.39 15.67 -18.73
C LEU C 17 6.25 14.39 -18.83
N ALA C 18 6.16 13.53 -17.81
CA ALA C 18 6.88 12.27 -17.79
C ALA C 18 6.44 11.35 -18.93
N LEU C 19 5.15 11.32 -19.24
CA LEU C 19 4.70 10.51 -20.39
C LEU C 19 5.28 10.98 -21.73
N LEU C 20 5.37 12.28 -21.92
CA LEU C 20 5.97 12.83 -23.15
C LEU C 20 7.46 12.41 -23.25
N LEU C 21 8.18 12.56 -22.14
CA LEU C 21 9.59 12.18 -22.08
C LEU C 21 9.72 10.73 -22.41
N PHE C 22 8.85 9.87 -21.84
CA PHE C 22 8.97 8.42 -22.07
C PHE C 22 8.94 8.09 -23.57
N THR C 23 8.22 8.88 -24.37
CA THR C 23 8.08 8.56 -25.80
C THR C 23 9.39 8.74 -26.55
N HIS C 24 10.35 9.49 -25.99
CA HIS C 24 11.65 9.64 -26.65
C HIS C 24 12.71 8.69 -26.12
N LEU C 25 12.37 7.87 -25.11
CA LEU C 25 13.39 7.03 -24.44
C LEU C 25 13.35 5.57 -24.93
N PRO C 26 14.52 4.95 -25.08
CA PRO C 26 14.45 3.55 -25.46
C PRO C 26 14.14 2.66 -24.25
N GLY C 27 13.50 1.51 -24.49
CA GLY C 27 13.28 0.56 -23.40
C GLY C 27 12.15 0.97 -22.50
N ASN C 28 12.11 0.38 -21.30
CA ASN C 28 11.07 0.54 -20.31
C ASN C 28 11.70 0.36 -18.93
N ASN C 29 11.28 1.15 -17.94
CA ASN C 29 11.83 1.07 -16.60
C ASN C 29 13.34 1.04 -16.49
N THR C 30 13.98 1.81 -17.36
CA THR C 30 15.40 2.05 -17.22
C THR C 30 15.65 3.17 -16.19
N PRO C 31 16.92 3.37 -15.79
CA PRO C 31 17.20 4.50 -14.87
C PRO C 31 16.76 5.86 -15.44
N PHE C 32 16.78 5.99 -16.77
CA PHE C 32 16.29 7.20 -17.41
C PHE C 32 14.79 7.42 -17.24
N HIS C 33 14.02 6.32 -17.19
CA HIS C 33 12.58 6.47 -16.97
C HIS C 33 12.33 7.00 -15.57
N ILE C 34 13.07 6.48 -14.59
CA ILE C 34 12.94 6.96 -13.23
C ILE C 34 13.37 8.44 -13.15
N LEU C 35 14.47 8.79 -13.77
CA LEU C 35 14.91 10.18 -13.78
C LEU C 35 13.86 11.07 -14.42
N ALA C 36 13.29 10.63 -15.56
CA ALA C 36 12.25 11.43 -16.21
C ALA C 36 11.09 11.74 -15.24
N GLN C 37 10.66 10.74 -14.46
CA GLN C 37 9.57 10.96 -13.48
C GLN C 37 10.01 11.86 -12.33
N VAL C 38 11.23 11.66 -11.87
CA VAL C 38 11.79 12.46 -10.78
C VAL C 38 11.89 13.94 -11.14
N LEU C 39 12.48 14.20 -12.30
CA LEU C 39 12.71 15.55 -12.77
C LEU C 39 11.37 16.22 -13.12
N SER C 40 10.45 15.48 -13.76
CA SER C 40 9.13 16.02 -14.08
C SER C 40 8.43 16.54 -12.84
N LYS C 41 8.50 15.79 -11.74
CA LYS C 41 7.86 16.22 -10.50
C LYS C 41 8.49 17.47 -9.92
N ILE C 42 9.81 17.52 -9.90
CA ILE C 42 10.48 18.70 -9.35
C ILE C 42 10.24 19.94 -10.22
N ALA C 43 10.31 19.77 -11.53
CA ALA C 43 10.06 20.86 -12.47
C ALA C 43 8.65 21.44 -12.29
N TYR C 44 7.67 20.55 -12.21
CA TYR C 44 6.31 20.96 -12.05
C TYR C 44 6.14 21.79 -10.77
N LYS C 45 6.46 21.17 -9.64
CA LYS C 45 6.28 21.83 -8.33
C LYS C 45 7.05 23.16 -8.22
N SER C 46 8.10 23.31 -9.01
CA SER C 46 8.89 24.52 -9.02
C SER C 46 8.23 25.61 -9.89
N GLY C 47 7.11 25.29 -10.54
CA GLY C 47 6.48 26.19 -11.49
C GLY C 47 7.20 26.28 -12.83
N LYS C 48 8.05 25.29 -13.13
CA LYS C 48 8.93 25.36 -14.31
C LYS C 48 8.65 24.27 -15.35
N SER C 49 7.45 23.74 -15.35
CA SER C 49 7.09 22.66 -16.29
C SER C 49 7.35 23.08 -17.76
N GLY C 50 6.91 24.28 -18.11
CA GLY C 50 7.04 24.75 -19.48
C GLY C 50 8.49 25.00 -19.85
N ALA C 51 9.21 25.73 -18.99
CA ALA C 51 10.63 25.99 -19.23
C ALA C 51 11.45 24.70 -19.39
N PHE C 52 11.12 23.68 -18.60
CA PHE C 52 11.84 22.39 -18.55
C PHE C 52 11.64 21.63 -19.86
N LEU C 53 10.38 21.53 -20.29
CA LEU C 53 10.03 20.91 -21.57
C LEU C 53 10.66 21.64 -22.76
N ASP C 54 10.63 22.98 -22.72
CA ASP C 54 11.28 23.76 -23.78
C ASP C 54 12.79 23.52 -23.81
N ALA C 55 13.40 23.47 -22.62
CA ALA C 55 14.85 23.21 -22.52
C ALA C 55 15.18 21.81 -23.03
N PHE C 56 14.30 20.85 -22.70
CA PHE C 56 14.47 19.45 -23.19
C PHE C 56 14.50 19.42 -24.72
N HIS C 57 13.52 20.06 -25.35
CA HIS C 57 13.48 20.13 -26.82
C HIS C 57 14.61 20.88 -27.44
N GLN C 58 15.05 21.95 -26.79
CA GLN C 58 16.20 22.71 -27.28
C GLN C 58 17.46 21.83 -27.33
N ILE C 59 17.69 21.02 -26.28
CA ILE C 59 18.84 20.11 -26.33
C ILE C 59 18.73 19.07 -27.43
N LEU C 60 17.54 18.45 -27.56
CA LEU C 60 17.26 17.54 -28.65
C LEU C 60 17.53 18.17 -30.01
N SER C 61 17.17 19.45 -30.17
CA SER C 61 17.31 20.10 -31.48
C SER C 61 18.80 20.26 -31.86
N GLU C 62 19.70 20.21 -30.86
CA GLU C 62 21.16 20.22 -31.09
C GLU C 62 21.72 18.90 -31.61
N GLY C 63 20.86 17.89 -31.76
CA GLY C 63 21.32 16.58 -32.25
C GLY C 63 21.52 15.52 -31.16
N GLU C 64 21.36 15.92 -29.89
CA GLU C 64 21.55 15.01 -28.74
C GLU C 64 20.29 14.18 -28.61
N ASN C 65 20.39 12.95 -28.10
CA ASN C 65 19.20 12.13 -27.83
C ASN C 65 18.58 12.49 -26.48
N ALA C 66 17.46 11.84 -26.12
CA ALA C 66 16.75 12.10 -24.87
C ALA C 66 17.53 11.68 -23.58
N GLN C 67 18.32 10.61 -23.64
CA GLN C 67 19.16 10.26 -22.47
C GLN C 67 20.20 11.35 -22.17
N ALA C 68 20.90 11.81 -23.19
CA ALA C 68 21.85 12.91 -23.03
C ALA C 68 21.15 14.18 -22.55
N ALA C 69 19.91 14.38 -23.01
CA ALA C 69 19.18 15.58 -22.64
C ALA C 69 18.83 15.60 -21.17
N LEU C 70 18.30 14.49 -20.67
CA LEU C 70 17.92 14.40 -19.25
C LEU C 70 19.12 14.55 -18.31
N THR C 71 20.25 13.92 -18.66
CA THR C 71 21.39 13.98 -17.76
C THR C 71 21.92 15.43 -17.81
N ARG C 72 21.95 16.05 -18.99
CA ARG C 72 22.42 17.46 -19.05
C ARG C 72 21.55 18.39 -18.21
N LEU C 73 20.23 18.25 -18.35
CA LEU C 73 19.27 19.02 -17.59
C LEU C 73 19.47 18.79 -16.09
N SER C 74 19.76 17.55 -15.70
CA SER C 74 19.95 17.30 -14.27
C SER C 74 21.16 18.08 -13.75
N ARG C 75 22.17 18.23 -14.62
CA ARG C 75 23.40 18.97 -14.36
C ARG C 75 23.21 20.48 -14.39
N THR C 76 22.31 21.00 -15.24
CA THR C 76 22.35 22.44 -15.53
C THR C 76 21.05 23.21 -15.27
N PHE C 77 19.92 22.54 -15.31
CA PHE C 77 18.63 23.22 -15.16
C PHE C 77 18.48 23.74 -13.72
N ASP C 78 18.24 25.05 -13.58
CA ASP C 78 18.32 25.70 -12.26
C ASP C 78 17.40 25.06 -11.19
N ALA C 79 16.18 24.69 -11.59
CA ALA C 79 15.26 24.00 -10.67
C ALA C 79 15.83 22.68 -10.08
N PHE C 80 16.92 22.17 -10.63
CA PHE C 80 17.49 20.91 -10.11
C PHE C 80 18.74 21.11 -9.25
N MET C 81 19.29 22.32 -9.24
CA MET C 81 20.60 22.55 -8.60
C MET C 81 20.47 22.41 -7.09
N GLY C 82 21.34 21.61 -6.48
CA GLY C 82 21.29 21.39 -5.05
C GLY C 82 20.17 20.52 -4.53
N VAL C 83 19.19 20.20 -5.37
CA VAL C 83 18.02 19.41 -4.96
C VAL C 83 18.40 17.96 -4.60
N VAL C 84 17.87 17.47 -3.48
CA VAL C 84 18.16 16.14 -2.97
C VAL C 84 17.23 15.11 -3.64
N PRO C 85 17.74 13.90 -3.99
CA PRO C 85 16.85 12.90 -4.60
C PRO C 85 15.76 12.47 -3.65
N PRO C 86 14.58 12.14 -4.19
CA PRO C 86 13.51 11.76 -3.28
C PRO C 86 13.80 10.36 -2.74
N VAL C 87 13.30 10.05 -1.55
CA VAL C 87 13.41 8.71 -0.94
C VAL C 87 12.15 7.89 -1.30
N ILE C 88 12.32 6.66 -1.76
CA ILE C 88 11.17 5.85 -2.17
C ILE C 88 11.17 4.59 -1.35
N ARG C 89 10.08 4.30 -0.63
CA ARG C 89 10.00 3.10 0.20
C ARG C 89 9.77 1.87 -0.68
N VAL C 90 10.54 0.80 -0.48
CA VAL C 90 10.27 -0.48 -1.17
C VAL C 90 10.24 -1.60 -0.12
N LYS C 91 9.60 -2.71 -0.46
CA LYS C 91 9.68 -3.86 0.43
C LYS C 91 11.16 -4.25 0.58
N ASN C 92 11.75 -4.63 -0.54
CA ASN C 92 13.18 -4.90 -0.55
C ASN C 92 13.75 -4.46 -1.88
N PHE C 93 15.05 -4.57 -2.03
CA PHE C 93 15.70 -4.11 -3.23
C PHE C 93 15.39 -4.95 -4.46
N GLN C 94 14.91 -6.18 -4.28
CA GLN C 94 14.41 -6.98 -5.43
C GLN C 94 13.18 -6.35 -6.10
N THR C 95 12.56 -5.42 -5.40
CA THR C 95 11.38 -4.74 -5.89
C THR C 95 11.73 -3.58 -6.85
N VAL C 96 12.97 -3.11 -6.81
CA VAL C 96 13.41 -2.04 -7.74
C VAL C 96 13.35 -2.60 -9.17
N PRO C 97 12.88 -1.81 -10.17
CA PRO C 97 12.75 -2.35 -11.53
C PRO C 97 14.02 -3.04 -11.96
N ARG C 98 13.89 -4.15 -12.66
CA ARG C 98 15.03 -4.96 -13.03
C ARG C 98 16.16 -4.18 -13.75
N PRO C 99 15.83 -3.35 -14.77
CA PRO C 99 16.92 -2.64 -15.50
C PRO C 99 17.61 -1.54 -14.69
N CYS C 100 17.09 -1.25 -13.49
CA CYS C 100 17.70 -0.32 -12.52
C CYS C 100 18.60 -0.97 -11.48
N GLN C 101 18.45 -2.28 -11.27
CA GLN C 101 19.07 -2.92 -10.09
C GLN C 101 20.59 -2.83 -10.06
N LYS C 102 21.24 -2.94 -11.22
CA LYS C 102 22.69 -2.89 -11.30
C LYS C 102 23.23 -1.47 -11.23
N SER C 103 22.33 -0.49 -11.23
CA SER C 103 22.77 0.89 -11.03
C SER C 103 22.62 1.33 -9.59
N LEU C 104 22.36 0.38 -8.69
CA LEU C 104 22.24 0.73 -7.27
C LEU C 104 23.56 0.75 -6.56
N ARG C 105 23.72 1.73 -5.67
CA ARG C 105 24.96 1.92 -4.94
C ARG C 105 24.65 2.35 -3.53
N ALA C 106 25.60 2.19 -2.61
CA ALA C 106 25.45 2.76 -1.28
C ALA C 106 25.16 4.25 -1.41
N VAL C 107 24.32 4.77 -0.52
CA VAL C 107 23.98 6.19 -0.52
C VAL C 107 25.23 6.97 -0.07
N PRO C 108 25.68 7.97 -0.85
CA PRO C 108 26.76 8.77 -0.32
C PRO C 108 26.24 9.80 0.73
N PRO C 109 27.14 10.58 1.35
N PRO C 109 27.16 10.60 1.29
CA PRO C 109 26.64 11.31 2.53
CA PRO C 109 26.71 11.78 2.01
C PRO C 109 25.69 12.44 2.13
C PRO C 109 26.39 12.84 0.98
N ASN C 110 25.88 12.98 0.95
N ASN C 110 25.37 13.64 1.28
CA ASN C 110 25.16 14.18 0.55
CA ASN C 110 24.97 14.71 0.39
C ASN C 110 24.71 14.17 -0.89
C ASN C 110 24.68 14.25 -1.05
N PRO C 111 23.84 13.20 -1.26
CA PRO C 111 23.49 12.98 -2.67
C PRO C 111 22.65 14.13 -3.26
N THR C 112 22.94 14.52 -4.50
CA THR C 112 22.14 15.52 -5.22
C THR C 112 21.82 15.09 -6.65
N ILE C 113 20.65 15.52 -7.11
CA ILE C 113 20.22 15.30 -8.50
C ILE C 113 21.27 15.76 -9.49
N ASP C 114 21.90 16.89 -9.20
CA ASP C 114 22.86 17.47 -10.17
C ASP C 114 24.19 16.67 -10.25
N LYS C 115 24.37 15.69 -9.38
CA LYS C 115 25.55 14.81 -9.52
C LYS C 115 25.16 13.43 -10.04
N GLY C 116 23.92 13.29 -10.51
CA GLY C 116 23.51 12.04 -11.15
C GLY C 116 22.75 11.07 -10.26
N TRP C 117 22.48 11.47 -9.01
CA TRP C 117 21.71 10.61 -8.09
C TRP C 117 20.22 10.81 -8.39
N VAL C 118 19.55 9.73 -8.76
CA VAL C 118 18.14 9.80 -9.27
C VAL C 118 17.15 9.74 -8.09
N CYS C 119 17.31 8.76 -7.23
CA CYS C 119 16.41 8.55 -6.06
C CYS C 119 17.12 7.64 -5.08
N VAL C 120 16.64 7.61 -3.84
CA VAL C 120 17.14 6.70 -2.83
C VAL C 120 15.98 5.74 -2.52
N TYR C 121 16.26 4.46 -2.56
CA TYR C 121 15.28 3.46 -2.18
C TYR C 121 15.52 3.06 -0.73
N SER C 122 14.48 3.04 0.10
CA SER C 122 14.64 2.52 1.46
C SER C 122 13.79 1.24 1.64
N SER C 123 14.40 0.24 2.24
CA SER C 123 13.69 -1.06 2.43
C SER C 123 13.00 -1.11 3.80
N GLU C 124 12.28 -2.20 4.03
CA GLU C 124 11.51 -2.39 5.25
C GLU C 124 12.41 -2.61 6.45
N GLN C 125 13.70 -2.87 6.21
CA GLN C 125 14.68 -3.04 7.26
C GLN C 125 15.45 -1.74 7.58
N GLY C 126 15.08 -0.66 6.90
CA GLY C 126 15.75 0.63 7.06
C GLY C 126 17.07 0.72 6.31
N GLU C 127 17.34 -0.25 5.42
CA GLU C 127 18.54 -0.21 4.58
C GLU C 127 18.24 0.74 3.44
N THR C 128 19.29 1.32 2.80
CA THR C 128 19.06 2.23 1.65
C THR C 128 20.07 1.98 0.54
N ARG C 129 19.66 2.26 -0.70
CA ARG C 129 20.55 2.29 -1.88
C ARG C 129 20.16 3.49 -2.71
N ALA C 130 21.12 4.14 -3.36
CA ALA C 130 20.82 5.24 -4.27
C ALA C 130 20.97 4.76 -5.71
N LEU C 131 20.03 5.15 -6.57
CA LEU C 131 20.09 4.92 -8.02
C LEU C 131 20.95 6.00 -8.71
N LYS C 132 21.98 5.54 -9.41
CA LYS C 132 22.97 6.44 -9.98
C LYS C 132 22.96 6.32 -11.48
N ILE C 133 22.92 7.46 -12.15
CA ILE C 133 23.25 7.46 -13.56
C ILE C 133 24.65 8.06 -13.70
N LEU D 12 -18.51 -1.76 -15.17
CA LEU D 12 -18.73 -3.22 -15.47
C LEU D 12 -18.30 -4.07 -14.27
N SER D 13 -19.12 -5.06 -13.90
CA SER D 13 -18.84 -5.87 -12.71
C SER D 13 -17.62 -6.77 -12.93
N ALA D 14 -17.08 -7.33 -11.85
CA ALA D 14 -15.89 -8.19 -11.98
C ALA D 14 -16.22 -9.42 -12.81
N LYS D 15 -17.42 -9.96 -12.61
CA LYS D 15 -17.90 -11.13 -13.31
C LYS D 15 -18.03 -10.86 -14.82
N ASP D 16 -18.66 -9.74 -15.19
CA ASP D 16 -18.94 -9.41 -16.58
C ASP D 16 -17.65 -9.10 -17.34
N LEU D 17 -16.77 -8.37 -16.69
CA LEU D 17 -15.45 -8.13 -17.21
C LEU D 17 -14.73 -9.45 -17.53
N ALA D 18 -14.72 -10.39 -16.59
CA ALA D 18 -14.04 -11.66 -16.80
C ALA D 18 -14.71 -12.43 -17.96
N LEU D 19 -16.05 -12.39 -18.03
CA LEU D 19 -16.80 -12.98 -19.15
C LEU D 19 -16.39 -12.41 -20.49
N LEU D 20 -16.24 -11.08 -20.56
CA LEU D 20 -15.75 -10.44 -21.78
C LEU D 20 -14.34 -10.94 -22.16
N LEU D 21 -13.44 -10.99 -21.18
CA LEU D 21 -12.08 -11.43 -21.43
C LEU D 21 -12.03 -12.87 -21.90
N PHE D 22 -12.88 -13.71 -21.30
CA PHE D 22 -12.94 -15.12 -21.64
C PHE D 22 -13.24 -15.34 -23.15
N THR D 23 -14.01 -14.44 -23.76
CA THR D 23 -14.35 -14.65 -25.16
C THR D 23 -13.11 -14.53 -26.07
N HIS D 24 -12.03 -13.96 -25.54
CA HIS D 24 -10.79 -13.79 -26.29
C HIS D 24 -9.76 -14.84 -26.04
N LEU D 25 -10.01 -15.72 -25.07
CA LEU D 25 -9.03 -16.70 -24.64
C LEU D 25 -9.28 -18.08 -25.24
N PRO D 26 -8.21 -18.79 -25.63
CA PRO D 26 -8.42 -20.18 -26.06
C PRO D 26 -8.56 -21.12 -24.83
N GLY D 27 -9.31 -22.20 -25.02
CA GLY D 27 -9.50 -23.23 -24.00
C GLY D 27 -10.45 -22.80 -22.90
N ASN D 28 -10.38 -23.50 -21.78
CA ASN D 28 -11.20 -23.28 -20.60
C ASN D 28 -10.39 -23.58 -19.34
N ASN D 29 -10.50 -22.76 -18.30
CA ASN D 29 -9.81 -23.08 -17.04
C ASN D 29 -8.30 -23.13 -17.14
N THR D 30 -7.74 -22.36 -18.06
CA THR D 30 -6.30 -22.27 -18.22
C THR D 30 -5.75 -21.28 -17.17
N PRO D 31 -4.43 -21.24 -16.98
CA PRO D 31 -3.95 -20.22 -16.04
C PRO D 31 -4.36 -18.80 -16.46
N PHE D 32 -4.56 -18.55 -17.77
CA PHE D 32 -4.99 -17.22 -18.23
C PHE D 32 -6.45 -16.91 -17.88
N HIS D 33 -7.30 -17.93 -17.78
CA HIS D 33 -8.66 -17.70 -17.30
C HIS D 33 -8.63 -17.31 -15.83
N ILE D 34 -7.82 -18.00 -15.04
CA ILE D 34 -7.67 -17.66 -13.60
C ILE D 34 -7.16 -16.21 -13.48
N LEU D 35 -6.12 -15.85 -14.24
CA LEU D 35 -5.61 -14.46 -14.25
C LEU D 35 -6.69 -13.47 -14.65
N ALA D 36 -7.40 -13.78 -15.73
CA ALA D 36 -8.48 -12.88 -16.14
C ALA D 36 -9.47 -12.61 -14.97
N GLN D 37 -9.83 -13.66 -14.23
CA GLN D 37 -10.74 -13.46 -13.07
C GLN D 37 -10.04 -12.66 -11.99
N VAL D 38 -8.78 -12.97 -11.75
CA VAL D 38 -8.03 -12.32 -10.66
C VAL D 38 -7.92 -10.82 -10.97
N LEU D 39 -7.50 -10.48 -12.20
CA LEU D 39 -7.30 -9.06 -12.53
C LEU D 39 -8.61 -8.26 -12.57
N SER D 40 -9.67 -8.90 -13.07
CA SER D 40 -11.01 -8.26 -13.13
C SER D 40 -11.47 -7.85 -11.74
N LYS D 41 -11.29 -8.74 -10.77
CA LYS D 41 -11.69 -8.42 -9.40
C LYS D 41 -10.84 -7.28 -8.85
N ILE D 42 -9.52 -7.35 -9.04
CA ILE D 42 -8.67 -6.30 -8.50
C ILE D 42 -9.03 -4.97 -9.16
N ALA D 43 -9.18 -4.95 -10.49
CA ALA D 43 -9.54 -3.72 -11.20
C ALA D 43 -10.88 -3.15 -10.70
N TYR D 44 -11.85 -4.04 -10.56
CA TYR D 44 -13.15 -3.63 -10.07
C TYR D 44 -13.06 -3.00 -8.68
N LYS D 45 -12.45 -3.71 -7.73
CA LYS D 45 -12.28 -3.23 -6.35
C LYS D 45 -11.60 -1.88 -6.28
N SER D 46 -10.79 -1.53 -7.26
CA SER D 46 -10.06 -0.25 -7.18
C SER D 46 -10.72 0.88 -7.97
N GLY D 47 -11.92 0.60 -8.48
CA GLY D 47 -12.66 1.56 -9.32
C GLY D 47 -11.98 1.77 -10.66
N LYS D 48 -11.40 0.71 -11.20
CA LYS D 48 -10.61 0.84 -12.41
C LYS D 48 -11.02 -0.18 -13.48
N SER D 49 -12.23 -0.72 -13.38
CA SER D 49 -12.65 -1.72 -14.36
C SER D 49 -12.69 -1.12 -15.79
N GLY D 50 -13.21 0.11 -15.92
CA GLY D 50 -13.30 0.82 -17.21
C GLY D 50 -11.92 1.06 -17.82
N ALA D 51 -11.02 1.65 -17.04
CA ALA D 51 -9.65 1.85 -17.50
C ALA D 51 -8.93 0.53 -17.84
N PHE D 52 -9.21 -0.51 -17.06
CA PHE D 52 -8.64 -1.83 -17.31
C PHE D 52 -9.13 -2.40 -18.63
N LEU D 53 -10.44 -2.33 -18.87
CA LEU D 53 -10.96 -2.89 -20.13
C LEU D 53 -10.40 -2.14 -21.34
N ASP D 54 -10.36 -0.81 -21.26
CA ASP D 54 -9.77 0.05 -22.31
C ASP D 54 -8.34 -0.34 -22.58
N ALA D 55 -7.55 -0.51 -21.51
CA ALA D 55 -6.13 -0.82 -21.70
C ALA D 55 -5.96 -2.18 -22.41
N PHE D 56 -6.85 -3.11 -22.10
CA PHE D 56 -6.86 -4.44 -22.70
C PHE D 56 -7.16 -4.31 -24.20
N HIS D 57 -8.25 -3.62 -24.55
CA HIS D 57 -8.59 -3.38 -25.96
C HIS D 57 -7.53 -2.65 -26.73
N GLN D 58 -6.92 -1.65 -26.10
CA GLN D 58 -5.84 -0.89 -26.72
C GLN D 58 -4.72 -1.83 -27.14
N ILE D 59 -4.32 -2.75 -26.26
CA ILE D 59 -3.26 -3.67 -26.58
C ILE D 59 -3.62 -4.65 -27.73
N LEU D 60 -4.83 -5.20 -27.68
CA LEU D 60 -5.36 -6.01 -28.77
C LEU D 60 -5.33 -5.24 -30.09
N SER D 61 -5.72 -3.97 -30.06
CA SER D 61 -5.74 -3.16 -31.27
C SER D 61 -4.33 -2.89 -31.85
N GLU D 62 -3.29 -3.17 -31.06
CA GLU D 62 -1.90 -3.20 -31.54
C GLU D 62 -1.50 -4.54 -32.20
N GLY D 63 -2.44 -5.47 -32.28
CA GLY D 63 -2.20 -6.79 -32.83
C GLY D 63 -1.63 -7.79 -31.83
N GLU D 64 -1.65 -7.46 -30.53
CA GLU D 64 -1.20 -8.43 -29.53
C GLU D 64 -2.36 -9.34 -29.17
N ASN D 65 -2.09 -10.61 -28.86
CA ASN D 65 -3.21 -11.48 -28.53
C ASN D 65 -3.63 -11.29 -27.06
N ALA D 66 -4.73 -11.91 -26.66
CA ALA D 66 -5.30 -11.72 -25.34
C ALA D 66 -4.41 -12.23 -24.20
N GLN D 67 -3.68 -13.33 -24.42
CA GLN D 67 -2.70 -13.85 -23.41
C GLN D 67 -1.57 -12.85 -23.12
N ALA D 68 -1.02 -12.26 -24.17
CA ALA D 68 0.06 -11.26 -24.06
C ALA D 68 -0.47 -9.98 -23.43
N ALA D 69 -1.69 -9.60 -23.77
CA ALA D 69 -2.30 -8.42 -23.17
C ALA D 69 -2.47 -8.57 -21.66
N LEU D 70 -2.95 -9.73 -21.21
CA LEU D 70 -3.12 -9.94 -19.77
C LEU D 70 -1.79 -9.97 -19.03
N THR D 71 -0.76 -10.62 -19.58
CA THR D 71 0.53 -10.70 -18.88
C THR D 71 1.15 -9.31 -18.83
N ARG D 72 0.98 -8.54 -19.91
CA ARG D 72 1.48 -7.19 -19.95
C ARG D 72 0.78 -6.24 -18.98
N LEU D 73 -0.53 -6.33 -18.91
CA LEU D 73 -1.29 -5.53 -17.96
C LEU D 73 -0.96 -5.91 -16.52
N SER D 74 -0.71 -7.20 -16.27
CA SER D 74 -0.35 -7.62 -14.89
C SER D 74 0.96 -6.93 -14.47
N ARG D 75 1.88 -6.78 -15.43
CA ARG D 75 3.20 -6.14 -15.22
C ARG D 75 3.15 -4.60 -15.18
N THR D 76 2.18 -3.99 -15.84
CA THR D 76 2.27 -2.54 -16.14
C THR D 76 1.08 -1.70 -15.71
N PHE D 77 -0.07 -2.33 -15.44
CA PHE D 77 -1.27 -1.58 -15.05
C PHE D 77 -1.18 -1.23 -13.57
N ASP D 78 -1.37 0.06 -13.27
CA ASP D 78 -1.09 0.63 -11.94
C ASP D 78 -1.82 -0.08 -10.79
N ALA D 79 -3.10 -0.38 -10.98
CA ALA D 79 -3.92 -1.07 -9.98
C ALA D 79 -3.39 -2.45 -9.57
N PHE D 80 -2.51 -3.03 -10.38
CA PHE D 80 -1.99 -4.38 -10.07
C PHE D 80 -0.60 -4.37 -9.43
N MET D 81 0.08 -3.22 -9.49
CA MET D 81 1.48 -3.16 -9.05
C MET D 81 1.62 -3.49 -7.56
N GLY D 82 2.48 -4.46 -7.25
CA GLY D 82 2.76 -4.84 -5.84
C GLY D 82 1.58 -5.51 -5.13
N VAL D 83 0.50 -5.82 -5.84
CA VAL D 83 -0.67 -6.48 -5.23
C VAL D 83 -0.34 -7.95 -4.92
N VAL D 84 -0.70 -8.42 -3.74
CA VAL D 84 -0.47 -9.83 -3.39
C VAL D 84 -1.50 -10.72 -4.08
N PRO D 85 -1.08 -11.84 -4.70
CA PRO D 85 -2.12 -12.64 -5.35
C PRO D 85 -3.12 -13.18 -4.32
N PRO D 86 -4.41 -13.23 -4.68
CA PRO D 86 -5.44 -13.61 -3.70
C PRO D 86 -5.20 -15.04 -3.25
N VAL D 87 -5.51 -15.33 -1.98
CA VAL D 87 -5.40 -16.72 -1.50
C VAL D 87 -6.73 -17.44 -1.75
N ILE D 88 -6.69 -18.59 -2.41
CA ILE D 88 -7.89 -19.34 -2.81
C ILE D 88 -7.88 -20.68 -2.08
N ARG D 89 -8.88 -20.93 -1.23
CA ARG D 89 -8.84 -22.12 -0.43
C ARG D 89 -9.40 -23.31 -1.24
N VAL D 90 -8.74 -24.45 -1.16
CA VAL D 90 -9.17 -25.64 -1.93
C VAL D 90 -9.01 -26.84 -1.00
N LYS D 91 -9.79 -27.90 -1.22
CA LYS D 91 -9.62 -29.15 -0.46
C LYS D 91 -8.16 -29.60 -0.54
N ASN D 92 -7.64 -29.74 -1.76
CA ASN D 92 -6.26 -30.14 -1.99
C ASN D 92 -5.89 -29.73 -3.41
N PHE D 93 -4.68 -30.04 -3.85
CA PHE D 93 -4.27 -29.56 -5.17
C PHE D 93 -4.87 -30.32 -6.32
N GLN D 94 -5.48 -31.48 -6.06
CA GLN D 94 -6.27 -32.15 -7.11
C GLN D 94 -7.50 -31.32 -7.50
N THR D 95 -7.93 -30.46 -6.58
CA THR D 95 -9.06 -29.54 -6.80
C THR D 95 -8.69 -28.43 -7.81
N VAL D 96 -7.39 -28.14 -7.96
CA VAL D 96 -6.97 -27.07 -8.90
C VAL D 96 -7.33 -27.54 -10.33
N PRO D 97 -7.84 -26.63 -11.19
CA PRO D 97 -8.19 -27.05 -12.56
C PRO D 97 -7.02 -27.73 -13.24
N ARG D 98 -7.32 -28.81 -13.96
CA ARG D 98 -6.28 -29.62 -14.61
C ARG D 98 -5.26 -28.82 -15.44
N PRO D 99 -5.73 -27.87 -16.27
CA PRO D 99 -4.76 -27.09 -17.08
C PRO D 99 -3.89 -26.15 -16.28
N CYS D 100 -4.22 -25.95 -15.01
CA CYS D 100 -3.36 -25.11 -14.15
C CYS D 100 -2.38 -25.92 -13.32
N GLN D 101 -2.60 -27.25 -13.20
CA GLN D 101 -1.83 -28.01 -12.20
C GLN D 101 -0.34 -28.00 -12.45
N LYS D 102 0.07 -28.04 -13.72
CA LYS D 102 1.52 -28.11 -14.03
C LYS D 102 2.22 -26.74 -13.87
N SER D 103 1.42 -25.72 -13.55
CA SER D 103 1.89 -24.33 -13.40
C SER D 103 1.94 -23.94 -11.92
N LEU D 104 1.66 -24.87 -11.01
CA LEU D 104 1.83 -24.63 -9.56
C LEU D 104 3.29 -24.80 -9.16
N ARG D 105 3.77 -23.90 -8.30
CA ARG D 105 5.17 -23.81 -7.86
C ARG D 105 5.13 -23.57 -6.34
N ALA D 106 6.28 -23.59 -5.68
CA ALA D 106 6.37 -23.16 -4.27
C ALA D 106 6.04 -21.67 -4.26
N VAL D 107 5.40 -21.19 -3.20
CA VAL D 107 5.11 -19.75 -3.09
C VAL D 107 6.46 -19.07 -2.87
N PRO D 108 6.82 -18.05 -3.68
CA PRO D 108 8.14 -17.45 -3.45
C PRO D 108 8.08 -16.52 -2.26
N PRO D 109 9.26 -16.00 -1.82
CA PRO D 109 9.19 -14.87 -0.92
C PRO D 109 8.43 -13.72 -1.62
N ASN D 110 7.46 -13.11 -0.92
CA ASN D 110 6.83 -11.88 -1.43
C ASN D 110 6.19 -11.96 -2.82
N PRO D 111 5.29 -12.93 -3.02
CA PRO D 111 4.60 -13.01 -4.32
C PRO D 111 3.76 -11.75 -4.63
N THR D 112 3.82 -11.28 -5.87
CA THR D 112 3.02 -10.14 -6.30
C THR D 112 2.49 -10.42 -7.71
N ILE D 113 1.34 -9.84 -8.02
CA ILE D 113 0.69 -10.02 -9.33
C ILE D 113 1.66 -9.58 -10.47
N ASP D 114 2.40 -8.51 -10.26
CA ASP D 114 3.23 -7.93 -11.30
C ASP D 114 4.47 -8.78 -11.64
N LYS D 115 4.81 -9.76 -10.80
CA LYS D 115 5.87 -10.69 -11.13
C LYS D 115 5.37 -12.01 -11.74
N GLY D 116 4.08 -12.04 -12.10
CA GLY D 116 3.53 -13.23 -12.82
C GLY D 116 2.89 -14.30 -11.93
N TRP D 117 2.74 -14.01 -10.63
CA TRP D 117 2.07 -14.93 -9.70
C TRP D 117 0.61 -14.63 -9.67
N VAL D 118 -0.24 -15.61 -10.03
CA VAL D 118 -1.67 -15.37 -10.28
C VAL D 118 -2.49 -15.47 -8.98
N CYS D 119 -2.27 -16.53 -8.20
CA CYS D 119 -3.07 -16.79 -6.99
C CYS D 119 -2.29 -17.77 -6.14
N VAL D 120 -2.63 -17.81 -4.86
CA VAL D 120 -2.01 -18.76 -3.96
C VAL D 120 -3.11 -19.71 -3.53
N TYR D 121 -2.96 -20.99 -3.85
CA TYR D 121 -3.87 -22.02 -3.37
C TYR D 121 -3.45 -22.56 -2.02
N SER D 122 -4.40 -22.61 -1.11
CA SER D 122 -4.15 -23.03 0.25
C SER D 122 -4.97 -24.31 0.49
N SER D 123 -4.32 -25.46 0.66
CA SER D 123 -5.03 -26.73 0.84
C SER D 123 -5.61 -26.82 2.24
N GLU D 124 -6.56 -27.75 2.44
CA GLU D 124 -7.21 -27.87 3.75
C GLU D 124 -6.27 -28.39 4.83
N GLN D 125 -5.14 -28.94 4.41
CA GLN D 125 -4.14 -29.42 5.36
C GLN D 125 -2.99 -28.39 5.57
N GLY D 126 -3.21 -27.16 5.10
CA GLY D 126 -2.30 -26.02 5.41
C GLY D 126 -1.15 -25.85 4.44
N GLU D 127 -1.07 -26.67 3.38
CA GLU D 127 0.01 -26.49 2.37
C GLU D 127 -0.36 -25.36 1.41
N THR D 128 0.65 -24.70 0.83
CA THR D 128 0.38 -23.71 -0.22
C THR D 128 1.12 -24.02 -1.52
N ARG D 129 0.54 -23.67 -2.65
CA ARG D 129 1.29 -23.62 -3.91
C ARG D 129 0.80 -22.38 -4.66
N ALA D 130 1.65 -21.73 -5.44
CA ALA D 130 1.21 -20.57 -6.16
C ALA D 130 1.16 -20.89 -7.66
N LEU D 131 0.15 -20.35 -8.33
CA LEU D 131 0.01 -20.48 -9.77
C LEU D 131 0.88 -19.41 -10.44
N LYS D 132 1.77 -19.84 -11.31
CA LYS D 132 2.66 -18.90 -11.97
C LYS D 132 2.35 -18.94 -13.46
N ILE D 133 2.18 -17.77 -14.06
CA ILE D 133 2.39 -17.66 -15.50
C ILE D 133 3.85 -17.16 -15.68
N LEU E 12 -30.26 1.60 4.82
CA LEU E 12 -29.01 1.77 5.63
C LEU E 12 -27.84 0.98 5.03
N SER E 13 -26.68 1.62 4.89
CA SER E 13 -25.51 0.98 4.27
C SER E 13 -24.77 0.04 5.21
N ALA E 14 -23.88 -0.77 4.64
CA ALA E 14 -23.11 -1.74 5.42
C ALA E 14 -22.25 -1.04 6.47
N LYS E 15 -21.64 0.06 6.09
CA LYS E 15 -20.78 0.81 7.00
C LYS E 15 -21.52 1.58 8.10
N ASP E 16 -22.70 2.10 7.77
CA ASP E 16 -23.57 2.77 8.72
C ASP E 16 -24.11 1.79 9.75
N LEU E 17 -24.49 0.61 9.29
CA LEU E 17 -24.94 -0.43 10.22
C LEU E 17 -23.84 -0.79 11.25
N ALA E 18 -22.62 -1.00 10.75
CA ALA E 18 -21.51 -1.46 11.59
C ALA E 18 -21.17 -0.49 12.71
N LEU E 19 -21.27 0.81 12.43
CA LEU E 19 -20.99 1.83 13.43
C LEU E 19 -22.05 1.95 14.52
N LEU E 20 -23.31 1.77 14.15
CA LEU E 20 -24.36 1.68 15.15
C LEU E 20 -24.00 0.56 16.13
N LEU E 21 -23.66 -0.64 15.63
CA LEU E 21 -23.32 -1.76 16.50
C LEU E 21 -22.14 -1.43 17.42
N PHE E 22 -21.15 -0.70 16.88
CA PHE E 22 -19.95 -0.26 17.61
C PHE E 22 -20.29 0.52 18.88
N THR E 23 -21.38 1.28 18.84
CA THR E 23 -21.81 2.07 20.01
C THR E 23 -22.21 1.15 21.18
N HIS E 24 -22.60 -0.09 20.87
CA HIS E 24 -23.03 -1.06 21.87
C HIS E 24 -21.93 -2.01 22.32
N LEU E 25 -20.72 -1.88 21.76
CA LEU E 25 -19.65 -2.84 22.09
C LEU E 25 -18.56 -2.24 22.96
N PRO E 26 -18.08 -2.99 23.98
CA PRO E 26 -16.98 -2.50 24.81
C PRO E 26 -15.62 -2.53 24.09
N GLY E 27 -14.77 -1.54 24.37
CA GLY E 27 -13.44 -1.45 23.78
C GLY E 27 -13.46 -1.09 22.31
N ASN E 28 -12.35 -1.34 21.62
CA ASN E 28 -12.22 -1.04 20.19
C ASN E 28 -11.42 -2.11 19.49
N ASN E 29 -11.82 -2.41 18.25
CA ASN E 29 -11.12 -3.41 17.41
C ASN E 29 -10.96 -4.77 18.05
N THR E 30 -11.97 -5.18 18.82
CA THR E 30 -12.01 -6.50 19.40
C THR E 30 -12.58 -7.48 18.37
N PRO E 31 -12.49 -8.80 18.63
CA PRO E 31 -13.11 -9.75 17.69
C PRO E 31 -14.57 -9.42 17.37
N PHE E 32 -15.28 -8.87 18.36
CA PHE E 32 -16.69 -8.50 18.14
C PHE E 32 -16.85 -7.33 17.18
N HIS E 33 -15.88 -6.41 17.17
CA HIS E 33 -15.88 -5.30 16.24
C HIS E 33 -15.75 -5.79 14.82
N ILE E 34 -14.80 -6.71 14.62
CA ILE E 34 -14.59 -7.34 13.32
C ILE E 34 -15.87 -8.09 12.90
N LEU E 35 -16.45 -8.87 13.83
CA LEU E 35 -17.68 -9.63 13.57
C LEU E 35 -18.81 -8.71 13.14
N ALA E 36 -18.99 -7.62 13.87
CA ALA E 36 -20.01 -6.65 13.50
C ALA E 36 -19.81 -6.13 12.08
N GLN E 37 -18.55 -5.89 11.67
CA GLN E 37 -18.28 -5.42 10.33
C GLN E 37 -18.59 -6.52 9.32
N VAL E 38 -18.14 -7.74 9.62
CA VAL E 38 -18.36 -8.86 8.70
C VAL E 38 -19.85 -9.16 8.51
N LEU E 39 -20.60 -9.19 9.61
CA LEU E 39 -22.05 -9.46 9.56
C LEU E 39 -22.81 -8.36 8.81
N SER E 40 -22.45 -7.12 9.10
CA SER E 40 -23.14 -5.95 8.50
C SER E 40 -23.05 -5.94 6.96
N LYS E 41 -21.88 -6.33 6.45
CA LYS E 41 -21.65 -6.41 5.02
C LYS E 41 -22.49 -7.51 4.39
N ILE E 42 -22.48 -8.70 4.98
CA ILE E 42 -23.28 -9.86 4.49
C ILE E 42 -24.79 -9.59 4.54
N ALA E 43 -25.22 -8.99 5.64
CA ALA E 43 -26.62 -8.62 5.84
C ALA E 43 -27.03 -7.64 4.74
N TYR E 44 -26.25 -6.57 4.59
CA TYR E 44 -26.49 -5.58 3.54
C TYR E 44 -26.62 -6.17 2.14
N LYS E 45 -25.70 -7.07 1.80
CA LYS E 45 -25.65 -7.72 0.49
C LYS E 45 -26.78 -8.70 0.22
N SER E 46 -27.36 -9.24 1.27
CA SER E 46 -28.51 -10.12 1.15
C SER E 46 -29.82 -9.32 1.15
N GLY E 47 -29.72 -8.01 1.33
CA GLY E 47 -30.90 -7.13 1.46
C GLY E 47 -31.62 -7.22 2.79
N LYS E 48 -31.03 -7.94 3.74
CA LYS E 48 -31.63 -8.09 5.07
C LYS E 48 -31.02 -7.15 6.10
N SER E 49 -30.51 -6.02 5.63
CA SER E 49 -29.87 -5.03 6.50
C SER E 49 -30.84 -4.45 7.54
N GLY E 50 -32.08 -4.19 7.13
CA GLY E 50 -33.10 -3.70 8.06
C GLY E 50 -33.45 -4.75 9.08
N ALA E 51 -33.81 -5.93 8.59
CA ALA E 51 -34.23 -7.05 9.44
C ALA E 51 -33.14 -7.45 10.47
N PHE E 52 -31.87 -7.35 10.07
CA PHE E 52 -30.75 -7.66 10.93
C PHE E 52 -30.67 -6.72 12.15
N LEU E 53 -30.77 -5.42 11.90
CA LEU E 53 -30.68 -4.42 12.97
C LEU E 53 -31.82 -4.56 13.99
N ASP E 54 -33.04 -4.72 13.46
CA ASP E 54 -34.23 -4.99 14.30
C ASP E 54 -34.05 -6.23 15.14
N ALA E 55 -33.51 -7.29 14.53
CA ALA E 55 -33.26 -8.52 15.27
C ALA E 55 -32.25 -8.27 16.36
N PHE E 56 -31.24 -7.46 16.04
CA PHE E 56 -30.23 -7.09 17.04
C PHE E 56 -30.85 -6.28 18.18
N HIS E 57 -31.64 -5.25 17.85
CA HIS E 57 -32.36 -4.52 18.90
C HIS E 57 -33.30 -5.38 19.68
N GLN E 58 -34.04 -6.25 19.00
CA GLN E 58 -35.02 -7.11 19.70
C GLN E 58 -34.36 -7.88 20.83
N ILE E 59 -33.17 -8.42 20.57
CA ILE E 59 -32.41 -9.18 21.56
C ILE E 59 -31.89 -8.34 22.71
N LEU E 60 -31.43 -7.12 22.43
CA LEU E 60 -31.05 -6.22 23.50
C LEU E 60 -32.23 -6.00 24.46
N SER E 61 -33.43 -5.81 23.92
CA SER E 61 -34.65 -5.58 24.72
C SER E 61 -34.87 -6.70 25.73
N GLU E 62 -34.50 -7.91 25.33
CA GLU E 62 -34.75 -9.10 26.15
C GLU E 62 -33.77 -9.25 27.32
N GLY E 63 -32.80 -8.34 27.42
CA GLY E 63 -31.91 -8.30 28.58
C GLY E 63 -30.50 -8.82 28.37
N GLU E 64 -30.22 -9.33 27.17
CA GLU E 64 -28.89 -9.81 26.84
C GLU E 64 -28.07 -8.67 26.21
N ASN E 65 -26.75 -8.75 26.31
CA ASN E 65 -25.89 -7.70 25.76
C ASN E 65 -25.57 -7.87 24.26
N ALA E 66 -24.70 -7.01 23.75
CA ALA E 66 -24.40 -6.98 22.32
C ALA E 66 -23.61 -8.18 21.83
N GLN E 67 -22.61 -8.59 22.60
CA GLN E 67 -21.83 -9.82 22.33
C GLN E 67 -22.71 -11.07 22.21
N ALA E 68 -23.65 -11.20 23.15
CA ALA E 68 -24.59 -12.27 23.11
C ALA E 68 -25.51 -12.12 21.91
N ALA E 69 -25.90 -10.88 21.58
CA ALA E 69 -26.75 -10.63 20.41
C ALA E 69 -26.03 -11.03 19.11
N LEU E 70 -24.76 -10.65 18.97
CA LEU E 70 -24.03 -10.97 17.73
C LEU E 70 -23.76 -12.45 17.53
N THR E 71 -23.40 -13.16 18.61
CA THR E 71 -23.12 -14.59 18.50
C THR E 71 -24.45 -15.30 18.24
N ARG E 72 -25.52 -14.90 18.94
CA ARG E 72 -26.85 -15.50 18.66
C ARG E 72 -27.25 -15.28 17.20
N LEU E 73 -27.10 -14.05 16.74
CA LEU E 73 -27.52 -13.77 15.36
C LEU E 73 -26.64 -14.53 14.38
N SER E 74 -25.34 -14.59 14.66
CA SER E 74 -24.43 -15.27 13.76
C SER E 74 -24.83 -16.74 13.61
N ARG E 75 -25.47 -17.32 14.64
CA ARG E 75 -25.91 -18.72 14.59
C ARG E 75 -27.36 -18.93 14.12
N THR E 76 -28.20 -17.91 14.26
CA THR E 76 -29.64 -18.07 13.98
C THR E 76 -30.18 -17.20 12.86
N PHE E 77 -29.46 -16.14 12.49
CA PHE E 77 -29.97 -15.24 11.47
C PHE E 77 -29.78 -15.82 10.07
N ASP E 78 -30.89 -15.90 9.34
CA ASP E 78 -31.02 -16.56 8.03
C ASP E 78 -29.85 -16.25 7.08
N ALA E 79 -29.60 -14.95 6.91
CA ALA E 79 -28.54 -14.46 6.05
C ALA E 79 -27.14 -15.06 6.38
N PHE E 80 -26.94 -15.48 7.62
CA PHE E 80 -25.60 -15.89 8.06
C PHE E 80 -25.34 -17.39 8.04
N MET E 81 -26.41 -18.18 8.08
CA MET E 81 -26.29 -19.62 8.29
C MET E 81 -25.52 -20.25 7.11
N GLY E 82 -24.46 -21.01 7.38
CA GLY E 82 -23.69 -21.64 6.29
C GLY E 82 -22.64 -20.74 5.60
N VAL E 83 -22.66 -19.44 5.88
CA VAL E 83 -21.75 -18.52 5.19
C VAL E 83 -20.28 -18.64 5.66
N VAL E 84 -19.39 -18.71 4.69
CA VAL E 84 -17.95 -18.85 4.92
C VAL E 84 -17.37 -17.47 5.33
N PRO E 85 -16.45 -17.44 6.28
CA PRO E 85 -15.89 -16.12 6.62
C PRO E 85 -15.09 -15.54 5.45
N PRO E 86 -15.13 -14.21 5.29
CA PRO E 86 -14.41 -13.55 4.21
C PRO E 86 -12.89 -13.57 4.46
N VAL E 87 -12.12 -13.55 3.37
CA VAL E 87 -10.68 -13.33 3.42
C VAL E 87 -10.33 -11.84 3.47
N ILE E 88 -9.46 -11.48 4.41
CA ILE E 88 -9.02 -10.10 4.59
C ILE E 88 -7.49 -10.08 4.50
N ARG E 89 -6.98 -9.29 3.58
CA ARG E 89 -5.54 -9.15 3.38
C ARG E 89 -4.96 -8.31 4.51
N VAL E 90 -3.83 -8.72 5.07
CA VAL E 90 -3.03 -7.91 5.98
C VAL E 90 -1.57 -8.04 5.56
N LYS E 91 -0.74 -7.08 5.93
CA LYS E 91 0.69 -7.18 5.62
C LYS E 91 1.30 -8.43 6.27
N ASN E 92 1.05 -8.57 7.57
CA ASN E 92 1.57 -9.70 8.33
C ASN E 92 0.63 -9.84 9.53
N PHE E 93 0.79 -10.89 10.33
CA PHE E 93 -0.25 -11.12 11.36
C PHE E 93 -0.10 -10.19 12.58
N GLN E 94 1.00 -9.45 12.68
CA GLN E 94 1.06 -8.42 13.73
C GLN E 94 0.44 -7.10 13.32
N THR E 95 -0.05 -7.00 12.08
CA THR E 95 -0.89 -5.86 11.77
C THR E 95 -2.38 -6.17 11.89
N VAL E 96 -2.74 -7.42 12.18
CA VAL E 96 -4.08 -7.69 12.67
C VAL E 96 -4.28 -6.82 13.95
N PRO E 97 -5.47 -6.17 14.12
CA PRO E 97 -5.74 -5.35 15.32
C PRO E 97 -5.36 -6.10 16.58
N ARG E 98 -4.66 -5.42 17.48
CA ARG E 98 -4.03 -6.05 18.63
C ARG E 98 -5.00 -6.88 19.51
N PRO E 99 -6.22 -6.35 19.81
CA PRO E 99 -7.16 -7.14 20.61
C PRO E 99 -7.65 -8.40 19.88
N CYS E 100 -7.31 -8.56 18.60
CA CYS E 100 -7.71 -9.77 17.86
C CYS E 100 -6.63 -10.85 17.73
N GLN E 101 -5.39 -10.51 18.09
CA GLN E 101 -4.24 -11.37 17.76
C GLN E 101 -4.23 -12.72 18.51
N LYS E 102 -4.67 -12.72 19.76
CA LYS E 102 -4.63 -14.00 20.53
C LYS E 102 -5.84 -14.89 20.20
N SER E 103 -6.68 -14.46 19.25
CA SER E 103 -7.85 -15.24 18.84
C SER E 103 -7.64 -15.84 17.42
N LEU E 104 -6.44 -15.66 16.87
CA LEU E 104 -6.04 -16.28 15.59
C LEU E 104 -5.60 -17.72 15.70
N ARG E 105 -6.09 -18.57 14.79
CA ARG E 105 -5.71 -19.97 14.73
C ARG E 105 -5.44 -20.36 13.28
N ALA E 106 -4.90 -21.54 13.07
CA ALA E 106 -4.90 -22.15 11.75
C ALA E 106 -6.33 -22.20 11.18
N VAL E 107 -6.46 -22.03 9.88
CA VAL E 107 -7.80 -22.10 9.26
C VAL E 107 -8.21 -23.59 9.15
N PRO E 108 -9.38 -23.97 9.68
CA PRO E 108 -9.82 -25.36 9.53
C PRO E 108 -10.41 -25.54 8.12
N PRO E 109 -10.71 -26.80 7.70
CA PRO E 109 -11.15 -27.01 6.30
C PRO E 109 -12.43 -26.26 5.90
N ASN E 110 -13.47 -26.30 6.74
CA ASN E 110 -14.77 -25.74 6.38
C ASN E 110 -15.26 -24.75 7.45
N PRO E 111 -14.54 -23.62 7.65
CA PRO E 111 -15.07 -22.64 8.62
C PRO E 111 -16.34 -21.96 8.19
N THR E 112 -17.22 -21.68 9.15
CA THR E 112 -18.46 -20.96 8.89
C THR E 112 -18.66 -19.91 9.95
N ILE E 113 -19.32 -18.81 9.60
CA ILE E 113 -19.55 -17.73 10.58
C ILE E 113 -20.46 -18.20 11.74
N ASP E 114 -21.36 -19.13 11.46
CA ASP E 114 -22.25 -19.61 12.48
C ASP E 114 -21.59 -20.52 13.54
N LYS E 115 -20.30 -20.86 13.35
CA LYS E 115 -19.51 -21.55 14.40
C LYS E 115 -18.51 -20.63 15.08
N GLY E 116 -18.52 -19.35 14.75
CA GLY E 116 -17.63 -18.43 15.42
C GLY E 116 -16.42 -17.98 14.62
N TRP E 117 -16.26 -18.52 13.41
CA TRP E 117 -15.20 -18.07 12.49
C TRP E 117 -15.55 -16.77 11.81
N VAL E 118 -14.83 -15.71 12.17
CA VAL E 118 -15.21 -14.37 11.79
C VAL E 118 -14.67 -13.99 10.40
N CYS E 119 -13.38 -14.26 10.19
CA CYS E 119 -12.70 -13.93 8.96
C CYS E 119 -11.42 -14.73 8.87
N VAL E 120 -10.86 -14.78 7.65
CA VAL E 120 -9.60 -15.43 7.40
C VAL E 120 -8.68 -14.30 7.00
N TYR E 121 -7.57 -14.14 7.73
CA TYR E 121 -6.62 -13.12 7.39
C TYR E 121 -5.56 -13.81 6.54
N SER E 122 -5.13 -13.18 5.42
CA SER E 122 -4.04 -13.74 4.62
C SER E 122 -2.90 -12.75 4.56
N SER E 123 -1.68 -13.24 4.76
CA SER E 123 -0.49 -12.37 4.82
C SER E 123 0.10 -12.16 3.44
N GLU E 124 1.09 -11.26 3.36
CA GLU E 124 1.76 -10.99 2.09
C GLU E 124 2.60 -12.21 1.65
N GLN E 125 2.81 -13.17 2.56
CA GLN E 125 3.42 -14.44 2.15
C GLN E 125 2.41 -15.49 1.69
N GLY E 126 1.14 -15.10 1.67
CA GLY E 126 0.08 -16.05 1.34
C GLY E 126 -0.25 -17.06 2.43
N GLU E 127 0.25 -16.83 3.65
CA GLU E 127 -0.15 -17.63 4.80
C GLU E 127 -1.53 -17.15 5.28
N THR E 128 -2.25 -17.98 6.01
CA THR E 128 -3.57 -17.56 6.52
C THR E 128 -3.74 -17.90 7.99
N ARG E 129 -4.53 -17.10 8.70
CA ARG E 129 -5.04 -17.42 10.03
C ARG E 129 -6.52 -17.12 10.07
N ALA E 130 -7.27 -17.85 10.88
CA ALA E 130 -8.67 -17.52 11.08
C ALA E 130 -8.90 -16.86 12.44
N LEU E 131 -9.71 -15.81 12.46
CA LEU E 131 -10.20 -15.21 13.70
C LEU E 131 -11.42 -15.97 14.25
N LYS E 132 -11.29 -16.47 15.48
CA LYS E 132 -12.32 -17.30 16.08
C LYS E 132 -12.88 -16.62 17.32
N ILE E 133 -14.20 -16.46 17.37
CA ILE E 133 -14.88 -16.14 18.63
C ILE E 133 -15.39 -17.46 19.24
N LEU F 12 -3.59 22.25 6.39
CA LEU F 12 -2.32 22.62 7.10
C LEU F 12 -1.11 21.78 6.68
N SER F 13 0.00 22.46 6.33
CA SER F 13 1.23 21.79 5.90
C SER F 13 1.80 20.92 7.02
N ALA F 14 2.69 19.98 6.67
CA ALA F 14 3.34 19.12 7.65
C ALA F 14 4.14 19.96 8.65
N LYS F 15 4.84 20.94 8.13
CA LYS F 15 5.64 21.89 8.87
C LYS F 15 4.83 22.69 9.90
N ASP F 16 3.65 23.17 9.49
CA ASP F 16 2.83 23.97 10.38
C ASP F 16 2.12 23.11 11.41
N LEU F 17 1.69 21.92 11.00
CA LEU F 17 1.17 20.93 11.94
C LEU F 17 2.16 20.63 13.08
N ALA F 18 3.45 20.43 12.73
CA ALA F 18 4.47 20.09 13.71
C ALA F 18 4.72 21.26 14.64
N LEU F 19 4.73 22.49 14.12
CA LEU F 19 4.87 23.66 14.97
C LEU F 19 3.75 23.80 16.02
N LEU F 20 2.51 23.51 15.63
CA LEU F 20 1.40 23.52 16.57
C LEU F 20 1.55 22.43 17.66
N LEU F 21 1.90 21.22 17.24
CA LEU F 21 2.13 20.13 18.19
C LEU F 21 3.26 20.47 19.13
N PHE F 22 4.31 21.12 18.63
CA PHE F 22 5.42 21.54 19.49
C PHE F 22 4.96 22.47 20.63
N THR F 23 3.91 23.28 20.40
CA THR F 23 3.47 24.18 21.48
C THR F 23 2.96 23.37 22.70
N HIS F 24 2.61 22.12 22.50
CA HIS F 24 2.14 21.31 23.63
C HIS F 24 3.22 20.50 24.28
N LEU F 25 4.45 20.55 23.78
CA LEU F 25 5.48 19.59 24.21
C LEU F 25 6.54 20.21 25.10
N PRO F 26 6.94 19.50 26.17
CA PRO F 26 8.03 20.01 27.00
C PRO F 26 9.40 19.81 26.33
N GLY F 27 10.34 20.69 26.63
CA GLY F 27 11.68 20.59 26.09
C GLY F 27 11.76 20.96 24.62
N ASN F 28 12.90 20.63 24.01
CA ASN F 28 13.20 20.86 22.61
C ASN F 28 14.02 19.70 22.08
N ASN F 29 13.76 19.28 20.84
CA ASN F 29 14.53 18.18 20.21
C ASN F 29 14.49 16.87 21.00
N THR F 30 13.38 16.63 21.69
CA THR F 30 13.20 15.36 22.40
C THR F 30 12.75 14.30 21.38
N PRO F 31 12.74 13.01 21.77
CA PRO F 31 12.16 12.03 20.87
C PRO F 31 10.71 12.36 20.45
N PHE F 32 9.96 13.02 21.33
CA PHE F 32 8.60 13.40 20.98
C PHE F 32 8.53 14.50 19.93
N HIS F 33 9.52 15.39 19.92
CA HIS F 33 9.60 16.38 18.88
C HIS F 33 9.84 15.69 17.55
N ILE F 34 10.74 14.71 17.54
CA ILE F 34 10.97 14.01 16.28
C ILE F 34 9.71 13.25 15.83
N LEU F 35 9.07 12.56 16.76
CA LEU F 35 7.84 11.86 16.44
C LEU F 35 6.79 12.82 15.90
N ALA F 36 6.63 13.99 16.51
CA ALA F 36 5.65 14.96 16.01
C ALA F 36 5.92 15.28 14.53
N GLN F 37 7.19 15.50 14.18
CA GLN F 37 7.58 15.84 12.80
C GLN F 37 7.31 14.66 11.86
N VAL F 38 7.63 13.46 12.31
CA VAL F 38 7.45 12.25 11.48
C VAL F 38 5.95 11.95 11.24
N LEU F 39 5.16 12.04 12.30
CA LEU F 39 3.72 11.78 12.17
C LEU F 39 3.02 12.85 11.34
N SER F 40 3.46 14.11 11.47
CA SER F 40 2.88 15.22 10.70
C SER F 40 3.09 15.06 9.19
N LYS F 41 4.28 14.59 8.82
CA LYS F 41 4.58 14.30 7.44
C LYS F 41 3.74 13.13 6.94
N ILE F 42 3.71 12.02 7.67
CA ILE F 42 2.94 10.88 7.21
C ILE F 42 1.46 11.19 7.10
N ALA F 43 0.93 11.88 8.12
CA ALA F 43 -0.49 12.24 8.15
C ALA F 43 -0.80 13.08 6.92
N TYR F 44 -0.03 14.15 6.72
CA TYR F 44 -0.23 15.06 5.60
C TYR F 44 -0.19 14.36 4.21
N LYS F 45 0.75 13.45 4.03
CA LYS F 45 0.86 12.71 2.78
C LYS F 45 -0.31 11.74 2.57
N SER F 46 -0.87 11.22 3.66
CA SER F 46 -2.06 10.38 3.55
C SER F 46 -3.31 11.19 3.21
N GLY F 47 -3.17 12.51 3.11
CA GLY F 47 -4.29 13.43 2.97
C GLY F 47 -5.14 13.54 4.23
N LYS F 48 -4.58 13.18 5.39
CA LYS F 48 -5.35 13.05 6.63
C LYS F 48 -4.90 14.00 7.74
N SER F 49 -4.44 15.17 7.31
CA SER F 49 -3.88 16.17 8.19
C SER F 49 -4.95 16.79 9.14
N GLY F 50 -6.10 17.14 8.57
CA GLY F 50 -7.23 17.64 9.35
C GLY F 50 -7.69 16.59 10.36
N ALA F 51 -7.88 15.36 9.89
CA ALA F 51 -8.30 14.27 10.78
C ALA F 51 -7.25 13.97 11.87
N PHE F 52 -5.97 14.10 11.54
CA PHE F 52 -4.93 13.85 12.54
C PHE F 52 -4.99 14.91 13.65
N LEU F 53 -5.04 16.17 13.27
CA LEU F 53 -5.09 17.26 14.24
C LEU F 53 -6.33 17.23 15.13
N ASP F 54 -7.48 16.88 14.55
CA ASP F 54 -8.74 16.68 15.28
C ASP F 54 -8.63 15.52 16.26
N ALA F 55 -8.03 14.42 15.82
CA ALA F 55 -7.91 13.26 16.71
C ALA F 55 -6.96 13.60 17.87
N PHE F 56 -5.92 14.38 17.57
CA PHE F 56 -4.98 14.82 18.59
C PHE F 56 -5.71 15.63 19.67
N HIS F 57 -6.45 16.65 19.25
CA HIS F 57 -7.20 17.50 20.18
C HIS F 57 -8.23 16.78 20.96
N GLN F 58 -8.95 15.87 20.31
CA GLN F 58 -9.92 15.05 20.97
C GLN F 58 -9.28 14.24 22.11
N ILE F 59 -8.08 13.71 21.85
CA ILE F 59 -7.38 13.00 22.91
C ILE F 59 -6.97 13.92 24.05
N LEU F 60 -6.41 15.08 23.74
CA LEU F 60 -6.11 16.09 24.79
C LEU F 60 -7.36 16.41 25.59
N SER F 61 -8.50 16.56 24.90
CA SER F 61 -9.74 16.95 25.55
C SER F 61 -10.22 15.88 26.53
N GLU F 62 -9.78 14.64 26.36
CA GLU F 62 -10.10 13.59 27.34
C GLU F 62 -9.19 13.62 28.58
N GLY F 63 -8.26 14.54 28.63
CA GLY F 63 -7.41 14.65 29.82
C GLY F 63 -6.04 14.01 29.69
N GLU F 64 -5.72 13.45 28.52
CA GLU F 64 -4.36 12.92 28.27
C GLU F 64 -3.47 14.06 27.78
N ASN F 65 -2.18 14.02 28.15
CA ASN F 65 -1.23 15.06 27.72
C ASN F 65 -0.76 14.78 26.29
N ALA F 66 0.01 15.69 25.72
CA ALA F 66 0.40 15.58 24.32
C ALA F 66 1.32 14.39 23.98
N GLN F 67 2.24 14.07 24.89
CA GLN F 67 3.07 12.89 24.79
C GLN F 67 2.23 11.62 24.67
N ALA F 68 1.27 11.44 25.56
CA ALA F 68 0.36 10.29 25.51
C ALA F 68 -0.47 10.30 24.24
N ALA F 69 -0.88 11.48 23.80
CA ALA F 69 -1.68 11.58 22.57
C ALA F 69 -0.88 11.16 21.35
N LEU F 70 0.38 11.54 21.27
CA LEU F 70 1.19 11.13 20.13
C LEU F 70 1.48 9.63 20.11
N THR F 71 1.78 9.05 21.28
CA THR F 71 2.04 7.60 21.25
C THR F 71 0.75 6.89 20.90
N ARG F 72 -0.37 7.38 21.44
CA ARG F 72 -1.65 6.74 21.16
C ARG F 72 -1.99 6.84 19.67
N LEU F 73 -1.82 8.01 19.08
CA LEU F 73 -2.05 8.16 17.64
C LEU F 73 -1.15 7.23 16.83
N SER F 74 0.09 7.05 17.28
CA SER F 74 1.03 6.18 16.59
C SER F 74 0.51 4.73 16.59
N ARG F 75 -0.12 4.33 17.70
CA ARG F 75 -0.70 3.00 17.86
C ARG F 75 -2.07 2.81 17.18
N THR F 76 -2.85 3.87 17.01
CA THR F 76 -4.27 3.71 16.65
C THR F 76 -4.72 4.46 15.41
N PHE F 77 -3.94 5.44 14.94
CA PHE F 77 -4.42 6.20 13.78
C PHE F 77 -4.12 5.40 12.51
N ASP F 78 -5.16 5.07 11.73
CA ASP F 78 -4.99 4.10 10.65
C ASP F 78 -3.79 4.37 9.73
N ALA F 79 -3.63 5.63 9.34
CA ALA F 79 -2.55 6.07 8.47
C ALA F 79 -1.13 5.80 9.00
N PHE F 80 -0.99 5.27 10.23
CA PHE F 80 0.35 4.94 10.76
C PHE F 80 0.62 3.44 10.94
N MET F 81 -0.44 2.62 10.86
CA MET F 81 -0.31 1.18 11.10
C MET F 81 0.60 0.54 10.06
N GLY F 82 1.58 -0.21 10.54
CA GLY F 82 2.57 -0.89 9.67
C GLY F 82 3.46 0.03 8.85
N VAL F 83 3.43 1.34 9.10
CA VAL F 83 4.29 2.27 8.36
C VAL F 83 5.75 2.17 8.83
N VAL F 84 6.68 2.00 7.86
CA VAL F 84 8.10 1.90 8.17
C VAL F 84 8.64 3.29 8.56
N PRO F 85 9.32 3.42 9.75
CA PRO F 85 9.84 4.74 10.13
C PRO F 85 10.74 5.26 9.01
N PRO F 86 10.73 6.58 8.76
CA PRO F 86 11.49 7.13 7.64
C PRO F 86 12.98 7.04 7.97
N VAL F 87 13.82 6.86 6.94
CA VAL F 87 15.27 6.79 7.11
C VAL F 87 15.82 8.19 6.98
N ILE F 88 16.67 8.62 7.93
CA ILE F 88 17.15 9.99 7.95
C ILE F 88 18.67 9.91 7.97
N ARG F 89 19.32 10.62 7.05
CA ARG F 89 20.78 10.53 6.93
C ARG F 89 21.44 11.38 8.00
N VAL F 90 22.46 10.87 8.67
CA VAL F 90 23.23 11.70 9.61
C VAL F 90 24.71 11.42 9.42
N LYS F 91 25.56 12.42 9.66
CA LYS F 91 27.00 12.19 9.55
C LYS F 91 27.40 10.96 10.34
N ASN F 92 27.03 10.96 11.63
CA ASN F 92 27.35 9.87 12.55
C ASN F 92 26.34 9.95 13.69
N PHE F 93 26.31 8.98 14.58
CA PHE F 93 25.23 9.00 15.60
C PHE F 93 25.44 10.07 16.68
N GLN F 94 26.62 10.68 16.74
CA GLN F 94 26.85 11.88 17.59
C GLN F 94 26.13 13.12 17.07
N THR F 95 25.71 13.07 15.80
CA THR F 95 24.99 14.17 15.18
C THR F 95 23.49 14.14 15.52
N VAL F 96 22.97 12.97 15.85
CA VAL F 96 21.58 12.87 16.33
C VAL F 96 21.41 13.87 17.50
N PRO F 97 20.27 14.61 17.55
CA PRO F 97 19.97 15.51 18.69
C PRO F 97 20.25 14.90 20.03
N ARG F 98 20.92 15.66 20.89
CA ARG F 98 21.36 15.14 22.19
C ARG F 98 20.28 14.40 22.97
N PRO F 99 19.07 15.00 23.10
CA PRO F 99 18.01 14.35 23.91
C PRO F 99 17.48 13.04 23.30
N CYS F 100 17.85 12.74 22.06
CA CYS F 100 17.45 11.50 21.39
C CYS F 100 18.50 10.38 21.47
N GLN F 101 19.75 10.73 21.75
CA GLN F 101 20.83 9.73 21.57
C GLN F 101 20.71 8.52 22.47
N LYS F 102 20.21 8.72 23.70
CA LYS F 102 20.07 7.62 24.61
C LYS F 102 18.92 6.69 24.22
N SER F 103 18.11 7.10 23.25
CA SER F 103 16.95 6.27 22.88
C SER F 103 17.23 5.46 21.61
N LEU F 104 18.47 5.49 21.14
CA LEU F 104 18.82 4.77 19.93
C LEU F 104 19.11 3.30 20.23
N ARG F 105 18.60 2.40 19.37
CA ARG F 105 18.79 0.96 19.52
C ARG F 105 19.25 0.40 18.19
N ALA F 106 19.75 -0.84 18.21
CA ALA F 106 19.90 -1.57 16.98
C ALA F 106 18.54 -1.56 16.23
N VAL F 107 18.57 -1.45 14.90
CA VAL F 107 17.33 -1.55 14.15
C VAL F 107 16.77 -2.99 14.22
N PRO F 108 15.53 -3.16 14.70
CA PRO F 108 15.08 -4.55 14.69
C PRO F 108 14.72 -4.99 13.25
N PRO F 109 14.41 -6.28 13.05
CA PRO F 109 13.74 -6.58 11.79
C PRO F 109 12.33 -5.98 11.83
N ASN F 110 11.90 -5.48 10.70
CA ASN F 110 10.54 -4.97 10.52
C ASN F 110 10.08 -3.91 11.47
N PRO F 111 10.86 -2.83 11.68
CA PRO F 111 10.40 -1.73 12.54
C PRO F 111 9.15 -1.05 11.97
N THR F 112 8.18 -0.72 12.82
CA THR F 112 7.07 0.09 12.38
C THR F 112 6.76 1.18 13.38
N ILE F 113 6.16 2.25 12.89
CA ILE F 113 5.74 3.39 13.69
C ILE F 113 4.79 2.98 14.81
N ASP F 114 3.90 2.03 14.51
CA ASP F 114 2.92 1.61 15.51
C ASP F 114 3.48 0.88 16.73
N LYS F 115 4.75 0.46 16.65
N LYS F 115 4.74 0.47 16.66
CA LYS F 115 5.41 -0.20 17.77
CA LYS F 115 5.42 -0.19 17.78
C LYS F 115 6.39 0.73 18.48
C LYS F 115 6.41 0.72 18.46
N GLY F 116 6.29 2.03 18.21
CA GLY F 116 7.10 3.04 18.87
C GLY F 116 8.38 3.46 18.18
N TRP F 117 8.64 2.90 16.99
CA TRP F 117 9.85 3.24 16.21
C TRP F 117 9.61 4.52 15.44
N VAL F 118 10.42 5.54 15.74
CA VAL F 118 10.16 6.89 15.24
C VAL F 118 10.81 7.14 13.89
N CYS F 119 12.08 6.75 13.75
CA CYS F 119 12.86 6.92 12.52
C CYS F 119 14.09 6.04 12.60
N VAL F 120 14.75 5.89 11.46
CA VAL F 120 15.98 5.08 11.34
C VAL F 120 17.05 6.05 10.94
N TYR F 121 18.05 6.22 11.79
CA TYR F 121 19.14 7.10 11.41
C TYR F 121 20.18 6.30 10.66
N SER F 122 20.67 6.87 9.59
CA SER F 122 21.61 6.19 8.70
C SER F 122 22.94 6.97 8.60
N SER F 123 24.02 6.44 9.18
CA SER F 123 25.28 7.21 9.19
C SER F 123 26.01 7.16 7.84
N GLU F 124 26.93 8.10 7.62
CA GLU F 124 27.76 8.21 6.40
C GLU F 124 28.44 6.87 6.13
N GLN F 125 28.84 6.20 7.22
CA GLN F 125 29.57 4.94 7.11
C GLN F 125 28.68 3.74 6.78
N GLY F 126 27.36 3.96 6.74
CA GLY F 126 26.38 2.95 6.34
C GLY F 126 25.70 2.21 7.48
N GLU F 127 26.08 2.53 8.72
CA GLU F 127 25.42 1.92 9.88
C GLU F 127 24.04 2.55 10.12
N THR F 128 23.17 1.80 10.77
CA THR F 128 21.83 2.30 11.13
C THR F 128 21.54 2.11 12.64
N ARG F 129 20.85 3.09 13.22
CA ARG F 129 20.23 2.97 14.52
C ARG F 129 18.78 3.43 14.38
N ALA F 130 17.90 2.84 15.16
CA ALA F 130 16.50 3.24 15.20
C ALA F 130 16.21 3.98 16.50
N LEU F 131 15.43 5.06 16.41
CA LEU F 131 14.96 5.82 17.57
C LEU F 131 13.67 5.23 18.13
N LYS F 132 13.69 4.89 19.40
CA LYS F 132 12.56 4.23 20.01
C LYS F 132 11.96 5.13 21.05
N ILE F 133 10.64 5.23 21.02
CA ILE F 133 9.90 5.71 22.17
C ILE F 133 9.21 4.52 22.89
MG MG G . 0.92 -13.07 37.26
MG MG H . -2.80 -15.03 41.76
MG MG I . 2.16 -4.07 33.19
MG MG J . 12.38 23.54 28.36
MG MG K . 20.67 23.39 39.69
MG MG L . 23.43 24.64 43.44
MG MG M . 7.70 -7.53 3.51
C1 EDO N . 6.47 6.46 -0.48
O1 EDO N . 7.69 5.91 -0.97
C2 EDO N . 6.49 6.47 1.03
O2 EDO N . 5.55 5.50 1.48
C1 EDO O . 10.76 -4.12 -13.52
O1 EDO O . 11.49 -5.24 -13.00
C2 EDO O . 10.22 -4.42 -14.91
O2 EDO O . 11.07 -3.82 -15.89
MG MG P . -12.15 -20.22 -24.76
CL CL Q . -18.98 -4.47 -4.57
CL CL R . -10.43 -16.81 -9.35
CL CL S . -15.53 -9.52 -2.28
C1 EDO T . 8.84 -24.46 -7.10
O1 EDO T . 9.73 -23.39 -6.77
C2 EDO T . 9.49 -25.80 -6.73
O2 EDO T . 8.46 -26.81 -6.74
MG MG U . -13.28 -22.56 19.87
MG MG V . -16.59 0.28 21.24
CL CL W . -8.74 -7.52 1.47
C1 EDO X . -8.09 -5.83 -4.40
O1 EDO X . -8.80 -7.06 -4.64
C2 EDO X . -6.59 -6.00 -4.53
O2 EDO X . -5.89 -4.87 -4.01
MG MG Y . 26.46 8.10 19.55
#